data_2DPG
#
_entry.id   2DPG
#
_cell.length_a   136.700
_cell.length_b   136.700
_cell.length_c   121.200
_cell.angle_alpha   90.00
_cell.angle_beta   90.00
_cell.angle_gamma   120.00
#
_symmetry.space_group_name_H-M   'P 62 2 2'
#
loop_
_entity.id
_entity.type
_entity.pdbx_description
1 polymer 'GLUCOSE 6-PHOSPHATE DEHYDROGENASE'
2 non-polymer 'NADP NICOTINAMIDE-ADENINE-DINUCLEOTIDE PHOSPHATE'
3 water water
#
_entity_poly.entity_id   1
_entity_poly.type   'polypeptide(L)'
_entity_poly.pdbx_seq_one_letter_code
;VSEIKTLVTFFGGTGDLAKRKLYPSVFNLYKKGYLQKHFAIVGTARQALNDDEFKQLVRDSIKDFTDDQAQAEAFIEHFS
YRAHDVTDAASYAVLKEAIEEAADKFDIDGNRIFYMSVAPRFFGTIAKYLKSEGLLADTGYNRLMIEKPFGTSYDTAAEL
QNDLENAFDDNQLFRIDHYLGKEMVQNIAALRFGNPIFDAAWNKDYIKNVQVTLSEVLGVEERAGYYDTAGALLDMIQNN
TMQIVGWLAMEKPESFTDKDIRAAKNAAFNALKIYDEAEVNKYFVRAQYGAGDSADFKPYLEELDVPADSKNNTFIAGEL
QFDLPRWEGVPFYVRSGKRLAAKQTRVDIVFKAGTFNFGSEQEAQEAVLSIIIDPKGAIELKLNAKSVEDAFNTRTIDLG
WTVSDEDKKNTPEPYERMIHDTMNGDGSNFADWNGVSIAWKFVDAISAVYTADKAPLETYKSGSMGPEASDKLLAANGDA
WVFKG
;
_entity_poly.pdbx_strand_id   A
#
# COMPACT_ATOMS: atom_id res chain seq x y z
N VAL A 1 4.39 -19.68 -21.93
CA VAL A 1 4.56 -18.37 -21.23
C VAL A 1 5.68 -17.61 -21.94
N SER A 2 5.51 -16.31 -22.13
CA SER A 2 6.50 -15.50 -22.82
C SER A 2 7.66 -15.04 -21.92
N GLU A 3 8.87 -15.02 -22.49
CA GLU A 3 10.09 -14.63 -21.75
C GLU A 3 10.25 -13.12 -21.59
N ILE A 4 10.74 -12.73 -20.41
CA ILE A 4 11.00 -11.33 -20.10
C ILE A 4 12.52 -11.18 -20.14
N LYS A 5 13.01 -10.25 -20.95
CA LYS A 5 14.45 -10.00 -21.06
C LYS A 5 14.74 -8.76 -20.24
N THR A 6 15.52 -8.92 -19.17
CA THR A 6 15.81 -7.78 -18.31
C THR A 6 17.06 -7.92 -17.46
N LEU A 7 17.58 -6.78 -17.00
CA LEU A 7 18.75 -6.74 -16.16
C LEU A 7 18.33 -5.93 -14.94
N VAL A 8 18.32 -6.60 -13.80
CA VAL A 8 17.93 -5.98 -12.55
C VAL A 8 19.15 -5.78 -11.67
N THR A 9 19.31 -4.57 -11.15
CA THR A 9 20.41 -4.27 -10.23
C THR A 9 19.78 -4.06 -8.85
N PHE A 10 20.39 -4.62 -7.81
CA PHE A 10 19.87 -4.49 -6.47
C PHE A 10 20.77 -3.71 -5.52
N PHE A 11 20.44 -2.45 -5.28
CA PHE A 11 21.20 -1.63 -4.33
C PHE A 11 20.75 -2.12 -2.95
N GLY A 12 21.70 -2.46 -2.09
CA GLY A 12 21.36 -3.00 -0.78
C GLY A 12 21.15 -4.49 -0.94
N GLY A 13 21.88 -5.08 -1.90
CA GLY A 13 21.76 -6.49 -2.20
C GLY A 13 22.09 -7.47 -1.09
N THR A 14 22.79 -7.01 -0.06
CA THR A 14 23.15 -7.88 1.04
C THR A 14 22.20 -7.69 2.23
N GLY A 15 21.27 -6.75 2.09
CA GLY A 15 20.31 -6.45 3.13
C GLY A 15 19.34 -7.56 3.48
N ASP A 16 18.68 -7.40 4.62
CA ASP A 16 17.71 -8.38 5.10
C ASP A 16 16.52 -8.56 4.16
N LEU A 17 16.00 -7.47 3.62
CA LEU A 17 14.87 -7.52 2.70
C LEU A 17 15.22 -8.26 1.42
N ALA A 18 16.46 -8.10 0.95
CA ALA A 18 16.92 -8.73 -0.27
C ALA A 18 16.96 -10.24 -0.12
N LYS A 19 17.47 -10.70 1.02
CA LYS A 19 17.56 -12.12 1.30
C LYS A 19 16.18 -12.72 1.59
N ARG A 20 15.46 -12.08 2.49
CA ARG A 20 14.16 -12.53 2.95
C ARG A 20 12.96 -12.42 1.99
N LYS A 21 12.93 -11.40 1.15
CA LYS A 21 11.80 -11.23 0.25
C LYS A 21 12.17 -11.13 -1.23
N LEU A 22 13.07 -10.20 -1.55
CA LEU A 22 13.48 -9.93 -2.92
C LEU A 22 13.95 -11.12 -3.76
N TYR A 23 14.99 -11.82 -3.33
CA TYR A 23 15.51 -12.96 -4.09
C TYR A 23 14.53 -14.13 -4.28
N PRO A 24 13.80 -14.54 -3.22
CA PRO A 24 12.84 -15.63 -3.35
C PRO A 24 11.72 -15.26 -4.33
N SER A 25 11.39 -13.97 -4.39
CA SER A 25 10.36 -13.49 -5.29
C SER A 25 10.76 -13.62 -6.76
N VAL A 26 12.00 -13.23 -7.10
CA VAL A 26 12.46 -13.35 -8.48
C VAL A 26 12.72 -14.80 -8.83
N PHE A 27 12.97 -15.61 -7.81
CA PHE A 27 13.20 -17.03 -8.03
C PHE A 27 11.85 -17.62 -8.48
N ASN A 28 10.75 -17.12 -7.92
CA ASN A 28 9.42 -17.59 -8.30
C ASN A 28 9.15 -17.29 -9.76
N LEU A 29 9.58 -16.11 -10.19
CA LEU A 29 9.38 -15.74 -11.59
C LEU A 29 10.20 -16.65 -12.49
N TYR A 30 11.26 -17.25 -11.96
CA TYR A 30 12.08 -18.18 -12.73
C TYR A 30 11.34 -19.52 -12.70
N LYS A 31 10.83 -19.92 -11.55
CA LYS A 31 10.11 -21.18 -11.42
C LYS A 31 8.90 -21.22 -12.35
N LYS A 32 8.27 -20.07 -12.56
CA LYS A 32 7.10 -19.99 -13.43
C LYS A 32 7.51 -19.85 -14.89
N GLY A 33 8.79 -19.64 -15.15
CA GLY A 33 9.27 -19.52 -16.51
C GLY A 33 9.25 -18.16 -17.18
N TYR A 34 9.02 -17.09 -16.43
CA TYR A 34 9.00 -15.73 -17.00
C TYR A 34 10.43 -15.32 -17.32
N LEU A 35 11.33 -15.70 -16.42
CA LEU A 35 12.75 -15.41 -16.56
C LEU A 35 13.35 -16.72 -17.05
N GLN A 36 13.99 -16.68 -18.22
CA GLN A 36 14.57 -17.90 -18.77
C GLN A 36 16.08 -17.83 -19.00
N LYS A 37 16.49 -17.28 -20.13
CA LYS A 37 17.92 -17.19 -20.43
C LYS A 37 18.42 -15.76 -20.46
N HIS A 38 17.71 -14.91 -21.18
CA HIS A 38 18.09 -13.51 -21.36
C HIS A 38 17.86 -12.56 -20.18
N PHE A 39 18.35 -12.93 -19.00
CA PHE A 39 18.21 -12.06 -17.84
C PHE A 39 19.46 -12.18 -16.97
N ALA A 40 19.72 -11.13 -16.19
CA ALA A 40 20.87 -11.08 -15.30
C ALA A 40 20.51 -10.24 -14.09
N ILE A 41 21.06 -10.61 -12.93
CA ILE A 41 20.79 -9.88 -11.71
C ILE A 41 22.12 -9.48 -11.08
N VAL A 42 22.39 -8.17 -11.04
CA VAL A 42 23.62 -7.67 -10.45
C VAL A 42 23.27 -7.16 -9.07
N GLY A 43 23.96 -7.68 -8.05
CA GLY A 43 23.74 -7.23 -6.69
C GLY A 43 24.83 -6.25 -6.30
N THR A 44 24.53 -5.29 -5.44
CA THR A 44 25.53 -4.31 -5.02
C THR A 44 25.27 -3.80 -3.60
N ALA A 45 26.36 -3.51 -2.90
CA ALA A 45 26.35 -2.99 -1.53
C ALA A 45 27.82 -2.65 -1.23
N ARG A 46 28.10 -2.24 0.01
CA ARG A 46 29.48 -1.89 0.39
C ARG A 46 30.38 -3.08 0.63
N GLN A 47 29.83 -4.17 1.14
CA GLN A 47 30.63 -5.36 1.43
C GLN A 47 31.57 -5.83 0.32
N ALA A 48 32.74 -6.32 0.71
CA ALA A 48 33.73 -6.80 -0.23
C ALA A 48 33.57 -8.30 -0.51
N LEU A 49 32.55 -8.64 -1.29
CA LEU A 49 32.26 -10.01 -1.67
C LEU A 49 32.59 -10.16 -3.14
N ASN A 50 32.98 -11.37 -3.54
CA ASN A 50 33.25 -11.62 -4.95
C ASN A 50 31.99 -12.33 -5.46
N ASP A 51 31.95 -12.66 -6.74
CA ASP A 51 30.77 -13.31 -7.30
C ASP A 51 30.37 -14.61 -6.61
N ASP A 52 31.34 -15.48 -6.34
CA ASP A 52 31.05 -16.76 -5.71
C ASP A 52 30.39 -16.63 -4.34
N GLU A 53 30.90 -15.68 -3.55
CA GLU A 53 30.38 -15.44 -2.21
C GLU A 53 28.99 -14.86 -2.25
N PHE A 54 28.71 -14.08 -3.28
CA PHE A 54 27.37 -13.50 -3.43
C PHE A 54 26.42 -14.59 -3.91
N LYS A 55 26.91 -15.46 -4.80
CA LYS A 55 26.12 -16.55 -5.31
C LYS A 55 25.72 -17.45 -4.14
N GLN A 56 26.63 -17.57 -3.19
CA GLN A 56 26.41 -18.39 -2.00
C GLN A 56 25.35 -17.70 -1.12
N LEU A 57 25.36 -16.38 -1.12
CA LEU A 57 24.41 -15.60 -0.33
C LEU A 57 23.01 -15.79 -0.91
N VAL A 58 22.91 -15.81 -2.24
CA VAL A 58 21.62 -16.01 -2.90
C VAL A 58 21.16 -17.46 -2.73
N ARG A 59 22.12 -18.38 -2.73
CA ARG A 59 21.85 -19.81 -2.58
C ARG A 59 21.16 -20.08 -1.23
N ASP A 60 21.74 -19.60 -0.14
CA ASP A 60 21.17 -19.80 1.19
C ASP A 60 19.79 -19.15 1.29
N SER A 61 19.64 -18.03 0.59
CA SER A 61 18.40 -17.26 0.58
C SER A 61 17.23 -18.04 -0.04
N ILE A 62 17.47 -18.66 -1.19
CA ILE A 62 16.42 -19.42 -1.88
C ILE A 62 16.35 -20.91 -1.52
N LYS A 63 17.15 -21.32 -0.55
CA LYS A 63 17.20 -22.72 -0.11
C LYS A 63 15.88 -23.28 0.42
N ASP A 64 15.10 -22.47 1.14
CA ASP A 64 13.83 -22.92 1.68
C ASP A 64 12.71 -22.89 0.64
N PHE A 65 13.06 -22.52 -0.59
CA PHE A 65 12.07 -22.45 -1.68
C PHE A 65 12.53 -23.30 -2.85
N THR A 66 13.48 -24.19 -2.61
CA THR A 66 14.00 -25.03 -3.66
C THR A 66 13.55 -26.49 -3.61
N ASP A 67 13.02 -26.98 -4.72
CA ASP A 67 12.57 -28.35 -4.86
C ASP A 67 13.60 -29.07 -5.71
N ASP A 68 13.93 -28.41 -6.82
CA ASP A 68 14.88 -28.91 -7.80
C ASP A 68 16.23 -28.23 -7.60
N GLN A 69 17.26 -29.01 -7.27
CA GLN A 69 18.61 -28.47 -7.05
C GLN A 69 19.18 -27.86 -8.33
N ALA A 70 18.96 -28.53 -9.46
CA ALA A 70 19.46 -28.08 -10.74
C ALA A 70 18.80 -26.77 -11.18
N GLN A 71 17.53 -26.60 -10.84
CA GLN A 71 16.78 -25.39 -11.19
C GLN A 71 17.31 -24.20 -10.38
N ALA A 72 17.63 -24.47 -9.12
CA ALA A 72 18.15 -23.44 -8.23
C ALA A 72 19.48 -22.92 -8.75
N GLU A 73 20.39 -23.86 -9.05
CA GLU A 73 21.73 -23.52 -9.54
C GLU A 73 21.74 -22.80 -10.90
N ALA A 74 20.79 -23.15 -11.76
CA ALA A 74 20.68 -22.54 -13.08
C ALA A 74 20.29 -21.07 -12.93
N PHE A 75 19.50 -20.79 -11.91
CA PHE A 75 19.04 -19.45 -11.61
C PHE A 75 20.22 -18.66 -11.03
N ILE A 76 20.86 -19.23 -10.00
CA ILE A 76 21.98 -18.62 -9.31
C ILE A 76 23.09 -18.17 -10.26
N GLU A 77 23.25 -18.91 -11.37
CA GLU A 77 24.26 -18.61 -12.37
C GLU A 77 24.03 -17.25 -13.07
N HIS A 78 22.85 -16.68 -12.87
CA HIS A 78 22.54 -15.39 -13.48
C HIS A 78 22.89 -14.20 -12.58
N PHE A 79 23.50 -14.49 -11.44
CA PHE A 79 23.86 -13.46 -10.46
C PHE A 79 25.34 -13.09 -10.49
N SER A 80 25.61 -11.85 -10.12
CA SER A 80 26.96 -11.30 -10.03
C SER A 80 26.92 -10.22 -8.96
N TYR A 81 28.08 -9.77 -8.49
CA TYR A 81 28.13 -8.78 -7.44
C TYR A 81 29.26 -7.81 -7.64
N ARG A 82 29.09 -6.59 -7.14
CA ARG A 82 30.12 -5.58 -7.25
C ARG A 82 30.03 -4.68 -6.03
N ALA A 83 31.12 -4.59 -5.27
CA ALA A 83 31.16 -3.76 -4.07
C ALA A 83 31.11 -2.32 -4.57
N HIS A 84 30.31 -1.49 -3.92
CA HIS A 84 30.16 -0.11 -4.37
C HIS A 84 29.57 0.84 -3.32
N ASP A 85 30.09 2.05 -3.30
CA ASP A 85 29.63 3.08 -2.36
C ASP A 85 28.74 4.04 -3.12
N VAL A 86 27.47 4.11 -2.74
CA VAL A 86 26.52 4.97 -3.42
C VAL A 86 26.81 6.45 -3.30
N THR A 87 27.60 6.84 -2.31
CA THR A 87 27.94 8.24 -2.10
C THR A 87 29.20 8.64 -2.86
N ASP A 88 29.85 7.66 -3.48
CA ASP A 88 31.06 7.90 -4.26
C ASP A 88 30.74 7.82 -5.74
N ALA A 89 30.77 8.98 -6.40
CA ALA A 89 30.48 9.08 -7.83
C ALA A 89 31.39 8.19 -8.66
N ALA A 90 32.71 8.33 -8.45
CA ALA A 90 33.69 7.55 -9.19
C ALA A 90 33.44 6.05 -9.12
N SER A 91 32.92 5.60 -8.00
CA SER A 91 32.64 4.19 -7.76
C SER A 91 31.59 3.62 -8.72
N TYR A 92 30.69 4.46 -9.23
CA TYR A 92 29.65 4.00 -10.14
C TYR A 92 30.22 3.44 -11.44
N ALA A 93 31.45 3.81 -11.77
CA ALA A 93 32.09 3.32 -12.98
C ALA A 93 32.38 1.82 -12.88
N VAL A 94 32.54 1.34 -11.65
CA VAL A 94 32.81 -0.07 -11.40
C VAL A 94 31.52 -0.89 -11.52
N LEU A 95 30.41 -0.28 -11.12
CA LEU A 95 29.09 -0.91 -11.19
C LEU A 95 28.63 -0.92 -12.64
N LYS A 96 28.95 0.15 -13.36
CA LYS A 96 28.61 0.30 -14.76
C LYS A 96 29.22 -0.89 -15.50
N GLU A 97 30.48 -1.19 -15.18
CA GLU A 97 31.23 -2.29 -15.78
C GLU A 97 30.60 -3.65 -15.50
N ALA A 98 30.20 -3.88 -14.25
CA ALA A 98 29.58 -5.15 -13.88
C ALA A 98 28.24 -5.33 -14.61
N ILE A 99 27.56 -4.23 -14.86
CA ILE A 99 26.27 -4.23 -15.56
C ILE A 99 26.41 -4.57 -17.03
N GLU A 100 27.36 -3.92 -17.70
CA GLU A 100 27.59 -4.15 -19.12
C GLU A 100 28.08 -5.57 -19.39
N GLU A 101 28.88 -6.11 -18.48
CA GLU A 101 29.37 -7.47 -18.64
C GLU A 101 28.24 -8.46 -18.46
N ALA A 102 27.27 -8.10 -17.61
CA ALA A 102 26.12 -8.95 -17.36
C ALA A 102 25.24 -8.97 -18.60
N ALA A 103 25.10 -7.80 -19.24
CA ALA A 103 24.31 -7.66 -20.43
C ALA A 103 24.94 -8.40 -21.61
N ASP A 104 26.26 -8.48 -21.63
CA ASP A 104 26.97 -9.18 -22.68
C ASP A 104 26.89 -10.67 -22.48
N LYS A 105 27.16 -11.12 -21.26
CA LYS A 105 27.14 -12.53 -20.95
C LYS A 105 25.79 -13.19 -21.26
N PHE A 106 24.70 -12.48 -20.96
CA PHE A 106 23.35 -13.01 -21.20
C PHE A 106 22.58 -12.41 -22.37
N ASP A 107 23.28 -11.58 -23.14
CA ASP A 107 22.69 -10.95 -24.32
C ASP A 107 21.37 -10.21 -24.02
N ILE A 108 21.48 -9.19 -23.20
CA ILE A 108 20.34 -8.37 -22.81
C ILE A 108 20.58 -7.00 -23.44
N ASP A 109 19.62 -6.51 -24.21
CA ASP A 109 19.76 -5.23 -24.85
C ASP A 109 18.91 -4.20 -24.12
N GLY A 110 19.55 -3.43 -23.23
CA GLY A 110 18.84 -2.42 -22.46
C GLY A 110 17.99 -3.07 -21.39
N ASN A 111 16.73 -2.63 -21.27
CA ASN A 111 15.77 -3.18 -20.30
C ASN A 111 16.30 -3.31 -18.89
N ARG A 112 16.61 -2.17 -18.28
CA ARG A 112 17.18 -2.17 -16.96
C ARG A 112 16.22 -1.75 -15.87
N ILE A 113 16.26 -2.47 -14.76
CA ILE A 113 15.43 -2.19 -13.61
C ILE A 113 16.37 -1.97 -12.43
N PHE A 114 16.26 -0.82 -11.77
CA PHE A 114 17.12 -0.49 -10.63
C PHE A 114 16.30 -0.52 -9.34
N TYR A 115 16.73 -1.35 -8.38
CA TYR A 115 16.03 -1.48 -7.11
C TYR A 115 16.83 -0.86 -5.97
N MET A 116 16.27 0.14 -5.31
CA MET A 116 16.95 0.79 -4.20
C MET A 116 16.43 0.29 -2.86
N SER A 117 17.02 -0.81 -2.39
CA SER A 117 16.64 -1.39 -1.11
C SER A 117 17.66 -0.88 -0.08
N VAL A 118 17.73 0.45 0.02
CA VAL A 118 18.65 1.12 0.93
C VAL A 118 17.92 2.18 1.75
N ALA A 119 18.67 2.90 2.59
CA ALA A 119 18.11 3.95 3.42
C ALA A 119 17.56 5.06 2.54
N PRO A 120 16.34 5.54 2.83
CA PRO A 120 15.69 6.59 2.08
C PRO A 120 16.55 7.82 1.73
N ARG A 121 17.52 8.13 2.59
CA ARG A 121 18.38 9.30 2.36
C ARG A 121 19.30 9.21 1.14
N PHE A 122 19.44 8.02 0.56
CA PHE A 122 20.30 7.82 -0.62
C PHE A 122 19.50 7.79 -1.91
N PHE A 123 18.18 7.65 -1.78
CA PHE A 123 17.27 7.56 -2.92
C PHE A 123 17.51 8.52 -4.09
N GLY A 124 17.49 9.82 -3.81
CA GLY A 124 17.70 10.81 -4.86
C GLY A 124 19.12 10.88 -5.36
N THR A 125 20.08 10.62 -4.48
CA THR A 125 21.51 10.65 -4.80
C THR A 125 21.87 9.58 -5.84
N ILE A 126 21.30 8.38 -5.67
CA ILE A 126 21.55 7.28 -6.58
C ILE A 126 20.96 7.62 -7.93
N ALA A 127 19.71 8.09 -7.91
CA ALA A 127 19.00 8.46 -9.13
C ALA A 127 19.81 9.43 -9.97
N LYS A 128 20.27 10.50 -9.33
CA LYS A 128 21.07 11.52 -10.03
C LYS A 128 22.37 10.95 -10.59
N TYR A 129 22.98 10.01 -9.87
CA TYR A 129 24.23 9.40 -10.33
C TYR A 129 24.04 8.39 -11.44
N LEU A 130 22.88 7.74 -11.47
CA LEU A 130 22.60 6.75 -12.50
C LEU A 130 22.63 7.47 -13.84
N LYS A 131 22.15 8.71 -13.85
CA LYS A 131 22.11 9.53 -15.05
C LYS A 131 23.50 10.06 -15.42
N SER A 132 24.09 10.84 -14.52
CA SER A 132 25.40 11.45 -14.77
C SER A 132 26.52 10.45 -15.03
N GLU A 133 26.52 9.34 -14.31
CA GLU A 133 27.57 8.34 -14.50
C GLU A 133 27.25 7.32 -15.59
N GLY A 134 26.17 7.58 -16.33
CA GLY A 134 25.76 6.74 -17.43
C GLY A 134 25.47 5.27 -17.22
N LEU A 135 24.71 4.94 -16.18
CA LEU A 135 24.35 3.55 -15.93
C LEU A 135 22.99 3.23 -16.56
N LEU A 136 22.36 4.24 -17.17
CA LEU A 136 21.07 4.06 -17.82
C LEU A 136 21.23 3.44 -19.21
N ALA A 137 20.30 2.57 -19.58
CA ALA A 137 20.33 1.91 -20.88
C ALA A 137 19.91 2.85 -22.01
N ASP A 138 20.51 2.68 -23.18
CA ASP A 138 20.19 3.51 -24.34
C ASP A 138 19.18 2.85 -25.27
N THR A 139 18.72 1.67 -24.87
CA THR A 139 17.74 0.91 -25.62
C THR A 139 16.83 0.24 -24.60
N GLY A 140 15.58 0.04 -24.98
CA GLY A 140 14.64 -0.59 -24.07
C GLY A 140 14.24 0.37 -22.98
N TYR A 141 13.92 -0.16 -21.81
CA TYR A 141 13.49 0.66 -20.68
C TYR A 141 14.47 0.86 -19.55
N ASN A 142 14.18 1.87 -18.74
CA ASN A 142 14.94 2.21 -17.57
C ASN A 142 13.89 2.51 -16.51
N ARG A 143 13.72 1.58 -15.58
CA ARG A 143 12.73 1.73 -14.52
C ARG A 143 13.36 1.68 -13.15
N LEU A 144 12.85 2.54 -12.27
CA LEU A 144 13.36 2.65 -10.91
C LEU A 144 12.31 2.21 -9.89
N MET A 145 12.70 1.29 -9.02
CA MET A 145 11.80 0.80 -7.97
C MET A 145 12.26 1.42 -6.67
N ILE A 146 11.42 2.30 -6.12
CA ILE A 146 11.72 3.03 -4.89
C ILE A 146 11.04 2.39 -3.70
N GLU A 147 11.79 2.19 -2.63
CA GLU A 147 11.25 1.59 -1.39
C GLU A 147 10.55 2.64 -0.53
N LYS A 148 9.74 2.20 0.44
CA LYS A 148 9.06 3.14 1.32
C LYS A 148 10.07 3.72 2.30
N PRO A 149 9.86 4.97 2.75
CA PRO A 149 8.74 5.83 2.38
C PRO A 149 9.14 6.88 1.34
N PHE A 150 8.16 7.43 0.64
CA PHE A 150 8.43 8.46 -0.37
C PHE A 150 8.21 9.80 0.30
N GLY A 151 9.19 10.21 1.11
CA GLY A 151 9.09 11.48 1.82
C GLY A 151 8.43 11.37 3.18
N THR A 152 8.47 12.47 3.95
CA THR A 152 7.88 12.51 5.29
C THR A 152 6.97 13.74 5.38
N SER A 153 6.77 14.38 4.24
CA SER A 153 5.97 15.57 4.13
C SER A 153 5.88 15.83 2.64
N TYR A 154 5.12 16.83 2.22
CA TYR A 154 5.03 17.13 0.81
C TYR A 154 6.37 17.71 0.32
N ASP A 155 7.01 18.51 1.17
CA ASP A 155 8.28 19.13 0.82
C ASP A 155 9.34 18.10 0.49
N THR A 156 9.61 17.20 1.43
CA THR A 156 10.63 16.18 1.22
C THR A 156 10.29 15.31 0.01
N ALA A 157 9.02 14.97 -0.15
CA ALA A 157 8.60 14.13 -1.27
C ALA A 157 8.74 14.89 -2.59
N ALA A 158 8.49 16.20 -2.55
CA ALA A 158 8.59 17.03 -3.75
C ALA A 158 10.05 17.16 -4.16
N GLU A 159 10.92 17.21 -3.17
CA GLU A 159 12.35 17.32 -3.39
C GLU A 159 12.85 16.00 -3.97
N LEU A 160 12.34 14.90 -3.43
CA LEU A 160 12.73 13.57 -3.90
C LEU A 160 12.30 13.38 -5.35
N GLN A 161 11.05 13.73 -5.64
CA GLN A 161 10.50 13.60 -6.99
C GLN A 161 11.39 14.41 -7.96
N ASN A 162 11.75 15.62 -7.54
CA ASN A 162 12.58 16.51 -8.33
C ASN A 162 13.94 15.88 -8.69
N ASP A 163 14.50 15.14 -7.74
CA ASP A 163 15.78 14.48 -7.95
C ASP A 163 15.61 13.29 -8.87
N LEU A 164 14.54 12.53 -8.68
CA LEU A 164 14.29 11.35 -9.50
C LEU A 164 14.02 11.70 -10.95
N GLU A 165 13.34 12.82 -11.19
CA GLU A 165 13.02 13.24 -12.55
C GLU A 165 14.22 13.69 -13.36
N ASN A 166 15.40 13.65 -12.73
CA ASN A 166 16.64 14.02 -13.38
C ASN A 166 17.11 12.88 -14.28
N ALA A 167 16.64 11.68 -13.97
CA ALA A 167 17.03 10.49 -14.72
C ALA A 167 15.84 9.73 -15.28
N PHE A 168 14.71 9.79 -14.58
CA PHE A 168 13.51 9.09 -15.01
C PHE A 168 12.29 9.98 -15.11
N ASP A 169 11.24 9.45 -15.74
CA ASP A 169 9.98 10.15 -15.87
C ASP A 169 9.13 9.49 -14.80
N ASP A 170 8.02 10.13 -14.43
CA ASP A 170 7.17 9.58 -13.39
C ASP A 170 6.67 8.16 -13.69
N ASN A 171 6.36 7.88 -14.96
CA ASN A 171 5.86 6.57 -15.33
C ASN A 171 6.94 5.48 -15.34
N GLN A 172 8.17 5.86 -15.03
CA GLN A 172 9.27 4.92 -14.95
C GLN A 172 9.55 4.63 -13.47
N LEU A 173 8.87 5.37 -12.60
CA LEU A 173 9.02 5.22 -11.16
C LEU A 173 8.00 4.26 -10.58
N PHE A 174 8.48 3.26 -9.87
CA PHE A 174 7.60 2.26 -9.26
C PHE A 174 7.83 2.26 -7.75
N ARG A 175 6.92 2.93 -7.03
CA ARG A 175 7.01 3.06 -5.58
C ARG A 175 6.39 1.85 -4.86
N ILE A 176 7.18 1.13 -4.06
CA ILE A 176 6.67 -0.05 -3.35
C ILE A 176 5.50 0.27 -2.42
N ASP A 177 4.34 -0.27 -2.79
CA ASP A 177 3.12 -0.07 -2.02
C ASP A 177 2.61 -1.45 -1.60
N HIS A 178 2.82 -1.79 -0.34
CA HIS A 178 2.41 -3.09 0.18
C HIS A 178 0.92 -3.42 0.14
N TYR A 179 0.08 -2.39 0.24
CA TYR A 179 -1.37 -2.61 0.24
C TYR A 179 -2.00 -2.60 -1.15
N LEU A 180 -1.37 -1.92 -2.09
CA LEU A 180 -1.87 -1.83 -3.45
C LEU A 180 -1.61 -3.16 -4.16
N GLY A 181 -0.54 -3.83 -3.75
CA GLY A 181 -0.17 -5.11 -4.33
C GLY A 181 -0.91 -6.29 -3.74
N LYS A 182 -1.99 -6.02 -3.00
CA LYS A 182 -2.77 -7.09 -2.40
C LYS A 182 -3.89 -7.55 -3.33
N GLU A 183 -4.10 -8.87 -3.36
CA GLU A 183 -5.11 -9.51 -4.20
C GLU A 183 -6.51 -8.93 -4.07
N MET A 184 -7.03 -8.84 -2.84
CA MET A 184 -8.37 -8.31 -2.62
C MET A 184 -8.54 -6.84 -3.04
N VAL A 185 -7.48 -6.05 -2.88
CA VAL A 185 -7.50 -4.64 -3.26
C VAL A 185 -7.68 -4.57 -4.77
N GLN A 186 -7.08 -5.54 -5.46
CA GLN A 186 -7.17 -5.60 -6.91
C GLN A 186 -8.50 -6.15 -7.40
N ASN A 187 -9.33 -6.63 -6.48
CA ASN A 187 -10.64 -7.19 -6.80
C ASN A 187 -11.72 -6.12 -6.89
N ILE A 188 -11.46 -4.96 -6.29
CA ILE A 188 -12.42 -3.86 -6.28
C ILE A 188 -12.89 -3.40 -7.66
N ALA A 189 -11.96 -3.23 -8.59
CA ALA A 189 -12.32 -2.79 -9.94
C ALA A 189 -13.17 -3.87 -10.64
N ALA A 190 -12.86 -5.13 -10.37
CA ALA A 190 -13.57 -6.24 -10.98
C ALA A 190 -15.02 -6.31 -10.51
N LEU A 191 -15.24 -6.22 -9.19
CA LEU A 191 -16.59 -6.27 -8.64
C LEU A 191 -17.43 -5.11 -9.11
N ARG A 192 -16.82 -3.93 -9.15
CA ARG A 192 -17.50 -2.71 -9.57
C ARG A 192 -17.80 -2.70 -11.07
N PHE A 193 -16.74 -2.62 -11.88
CA PHE A 193 -16.89 -2.56 -13.34
C PHE A 193 -17.33 -3.84 -14.03
N GLY A 194 -17.04 -4.99 -13.42
CA GLY A 194 -17.43 -6.26 -13.99
C GLY A 194 -18.89 -6.63 -13.74
N ASN A 195 -19.54 -5.91 -12.84
CA ASN A 195 -20.94 -6.19 -12.52
C ASN A 195 -21.79 -4.93 -12.61
N PRO A 196 -22.61 -4.84 -13.67
CA PRO A 196 -23.50 -3.70 -13.93
C PRO A 196 -24.35 -3.24 -12.74
N ILE A 197 -24.82 -4.17 -11.92
CA ILE A 197 -25.64 -3.81 -10.78
C ILE A 197 -24.91 -3.03 -9.68
N PHE A 198 -23.59 -3.15 -9.63
CA PHE A 198 -22.78 -2.42 -8.65
C PHE A 198 -22.22 -1.18 -9.31
N ASP A 199 -21.77 -1.35 -10.54
CA ASP A 199 -21.21 -0.29 -11.34
C ASP A 199 -22.22 0.87 -11.45
N ALA A 200 -23.48 0.54 -11.68
CA ALA A 200 -24.54 1.54 -11.82
C ALA A 200 -24.93 2.21 -10.50
N ALA A 201 -24.64 1.54 -9.39
CA ALA A 201 -24.97 2.06 -8.06
C ALA A 201 -23.79 2.70 -7.34
N TRP A 202 -22.61 2.65 -7.93
CA TRP A 202 -21.40 3.22 -7.31
C TRP A 202 -21.36 4.75 -7.39
N ASN A 203 -22.33 5.40 -6.75
CA ASN A 203 -22.43 6.85 -6.76
C ASN A 203 -23.31 7.32 -5.60
N LYS A 204 -23.54 8.62 -5.54
CA LYS A 204 -24.34 9.26 -4.49
C LYS A 204 -25.80 8.84 -4.41
N ASP A 205 -26.36 8.39 -5.53
CA ASP A 205 -27.75 7.98 -5.54
C ASP A 205 -28.03 6.70 -4.75
N TYR A 206 -27.05 5.81 -4.66
CA TYR A 206 -27.23 4.55 -3.93
C TYR A 206 -26.36 4.34 -2.70
N ILE A 207 -25.23 5.03 -2.64
CA ILE A 207 -24.32 4.86 -1.50
C ILE A 207 -24.50 5.91 -0.40
N LYS A 208 -24.57 5.45 0.85
CA LYS A 208 -24.70 6.37 1.98
C LYS A 208 -23.31 6.82 2.45
N ASN A 209 -22.38 5.88 2.52
CA ASN A 209 -21.02 6.20 2.92
C ASN A 209 -20.10 5.02 2.69
N VAL A 210 -18.81 5.29 2.56
CA VAL A 210 -17.82 4.26 2.35
C VAL A 210 -16.90 4.26 3.58
N GLN A 211 -16.59 3.08 4.10
CA GLN A 211 -15.74 2.97 5.27
C GLN A 211 -14.52 2.10 5.00
N VAL A 212 -13.35 2.58 5.42
CA VAL A 212 -12.10 1.86 5.24
C VAL A 212 -11.44 1.70 6.61
N THR A 213 -11.22 0.45 7.01
CA THR A 213 -10.62 0.16 8.32
C THR A 213 -9.32 -0.63 8.22
N LEU A 214 -8.28 -0.15 8.88
CA LEU A 214 -6.99 -0.83 8.91
C LEU A 214 -6.60 -0.97 10.38
N SER A 215 -7.31 -1.82 11.09
CA SER A 215 -7.06 -2.04 12.52
C SER A 215 -6.00 -3.10 12.80
N GLU A 216 -5.25 -2.89 13.87
CA GLU A 216 -4.22 -3.83 14.28
C GLU A 216 -4.39 -4.14 15.76
N VAL A 217 -4.03 -5.36 16.15
CA VAL A 217 -4.12 -5.78 17.55
C VAL A 217 -2.84 -5.45 18.32
N LEU A 218 -1.69 -5.55 17.64
CA LEU A 218 -0.40 -5.28 18.25
C LEU A 218 -0.21 -3.81 18.62
N GLY A 219 0.85 -3.56 19.38
CA GLY A 219 1.18 -2.21 19.79
C GLY A 219 2.39 -1.72 19.01
N VAL A 220 3.24 -0.95 19.66
CA VAL A 220 4.43 -0.39 19.02
C VAL A 220 5.62 -1.35 19.08
N GLU A 221 5.50 -2.38 19.92
CA GLU A 221 6.55 -3.39 20.08
C GLU A 221 7.95 -2.83 20.33
N GLU A 222 8.77 -2.76 19.30
CA GLU A 222 10.15 -2.25 19.41
C GLU A 222 10.34 -1.04 18.50
N ARG A 223 9.45 -0.91 17.52
CA ARG A 223 9.48 0.16 16.54
C ARG A 223 9.26 1.59 17.04
N ALA A 224 9.37 1.81 18.35
CA ALA A 224 9.15 3.13 18.94
C ALA A 224 10.03 4.25 18.37
N GLY A 225 11.26 3.91 17.97
CA GLY A 225 12.15 4.90 17.41
C GLY A 225 11.56 5.54 16.16
N TYR A 226 10.99 4.68 15.31
CA TYR A 226 10.37 5.15 14.08
C TYR A 226 8.96 5.69 14.31
N TYR A 227 8.15 4.90 15.01
CA TYR A 227 6.77 5.24 15.26
C TYR A 227 6.45 6.54 15.98
N ASP A 228 7.31 6.97 16.90
CA ASP A 228 7.04 8.21 17.63
C ASP A 228 7.10 9.44 16.74
N THR A 229 7.84 9.36 15.64
CA THR A 229 7.97 10.48 14.71
C THR A 229 6.92 10.42 13.60
N ALA A 230 6.51 9.20 13.23
CA ALA A 230 5.52 8.99 12.17
C ALA A 230 4.07 8.95 12.64
N GLY A 231 3.75 8.00 13.52
CA GLY A 231 2.39 7.88 14.01
C GLY A 231 1.47 7.20 13.02
N ALA A 232 0.22 7.01 13.39
CA ALA A 232 -0.78 6.37 12.54
C ALA A 232 -1.05 7.19 11.29
N LEU A 233 -0.95 8.51 11.42
CA LEU A 233 -1.20 9.40 10.30
C LEU A 233 -0.23 9.13 9.15
N LEU A 234 1.07 9.07 9.44
CA LEU A 234 2.07 8.84 8.40
C LEU A 234 2.32 7.38 8.11
N ASP A 235 2.41 6.56 9.16
CA ASP A 235 2.67 5.13 9.03
C ASP A 235 1.58 4.32 8.31
N MET A 236 0.31 4.69 8.48
CA MET A 236 -0.80 3.97 7.86
C MET A 236 -1.77 4.74 6.95
N ILE A 237 -2.13 5.96 7.35
CA ILE A 237 -3.08 6.76 6.58
C ILE A 237 -2.57 7.30 5.24
N GLN A 238 -1.47 8.02 5.30
CA GLN A 238 -0.86 8.66 4.13
C GLN A 238 -0.65 7.75 2.91
N ASN A 239 0.00 6.62 3.14
CA ASN A 239 0.32 5.65 2.08
C ASN A 239 -0.67 4.52 1.84
N ASN A 240 -0.98 3.76 2.88
CA ASN A 240 -1.84 2.61 2.75
C ASN A 240 -3.34 2.84 2.60
N THR A 241 -3.89 3.75 3.40
CA THR A 241 -5.32 4.04 3.32
C THR A 241 -5.69 4.91 2.11
N MET A 242 -4.90 5.96 1.87
CA MET A 242 -5.16 6.87 0.75
C MET A 242 -5.24 6.16 -0.60
N GLN A 243 -4.37 5.19 -0.82
CA GLN A 243 -4.38 4.46 -2.08
C GLN A 243 -5.56 3.52 -2.24
N ILE A 244 -6.04 2.96 -1.13
CA ILE A 244 -7.19 2.07 -1.16
C ILE A 244 -8.40 2.94 -1.52
N VAL A 245 -8.44 4.13 -0.93
CA VAL A 245 -9.52 5.09 -1.20
C VAL A 245 -9.44 5.47 -2.69
N GLY A 246 -8.23 5.51 -3.24
CA GLY A 246 -8.05 5.84 -4.63
C GLY A 246 -8.78 4.87 -5.56
N TRP A 247 -8.80 3.59 -5.19
CA TRP A 247 -9.48 2.58 -5.99
C TRP A 247 -10.99 2.65 -5.83
N LEU A 248 -11.45 3.13 -4.68
CA LEU A 248 -12.88 3.24 -4.38
C LEU A 248 -13.54 4.48 -4.96
N ALA A 249 -12.85 5.60 -4.89
CA ALA A 249 -13.36 6.88 -5.34
C ALA A 249 -13.16 7.23 -6.82
N MET A 250 -12.32 6.48 -7.52
CA MET A 250 -12.04 6.77 -8.92
C MET A 250 -13.26 6.78 -9.84
N GLU A 251 -13.15 7.52 -10.93
CA GLU A 251 -14.22 7.60 -11.91
C GLU A 251 -14.13 6.33 -12.76
N LYS A 252 -15.05 6.17 -13.70
CA LYS A 252 -15.02 5.01 -14.58
C LYS A 252 -14.05 5.38 -15.70
N PRO A 253 -12.96 4.62 -15.85
CA PRO A 253 -11.95 4.87 -16.88
C PRO A 253 -12.38 4.55 -18.32
N GLU A 254 -11.66 5.11 -19.29
CA GLU A 254 -11.93 4.91 -20.70
C GLU A 254 -11.69 3.45 -21.08
N SER A 255 -10.66 2.88 -20.46
CA SER A 255 -10.31 1.48 -20.68
C SER A 255 -9.58 1.06 -19.41
N PHE A 256 -9.18 -0.20 -19.33
CA PHE A 256 -8.48 -0.68 -18.16
C PHE A 256 -6.96 -0.67 -18.31
N THR A 257 -6.44 0.36 -18.95
CA THR A 257 -5.00 0.50 -19.14
C THR A 257 -4.48 1.41 -18.03
N ASP A 258 -3.24 1.19 -17.60
CA ASP A 258 -2.67 2.00 -16.52
C ASP A 258 -2.85 3.50 -16.65
N LYS A 259 -2.72 4.04 -17.86
CA LYS A 259 -2.89 5.47 -18.07
C LYS A 259 -4.30 5.92 -17.70
N ASP A 260 -5.31 5.20 -18.20
CA ASP A 260 -6.72 5.52 -17.97
C ASP A 260 -7.15 5.34 -16.53
N ILE A 261 -6.55 4.33 -15.89
CA ILE A 261 -6.83 4.04 -14.49
C ILE A 261 -6.28 5.15 -13.62
N ARG A 262 -5.06 5.58 -13.91
CA ARG A 262 -4.45 6.68 -13.16
C ARG A 262 -5.22 7.99 -13.37
N ALA A 263 -5.66 8.24 -14.61
CA ALA A 263 -6.42 9.43 -14.91
C ALA A 263 -7.73 9.43 -14.12
N ALA A 264 -8.37 8.26 -14.06
CA ALA A 264 -9.63 8.11 -13.33
C ALA A 264 -9.47 8.27 -11.82
N LYS A 265 -8.30 7.90 -11.31
CA LYS A 265 -8.00 8.03 -9.89
C LYS A 265 -7.66 9.48 -9.56
N ASN A 266 -6.97 10.15 -10.46
CA ASN A 266 -6.59 11.54 -10.26
C ASN A 266 -7.80 12.43 -10.32
N ALA A 267 -8.83 11.97 -11.05
CA ALA A 267 -10.06 12.72 -11.16
C ALA A 267 -10.66 12.87 -9.76
N ALA A 268 -10.51 11.83 -8.95
CA ALA A 268 -11.01 11.83 -7.59
C ALA A 268 -10.06 12.58 -6.65
N PHE A 269 -8.76 12.30 -6.79
CA PHE A 269 -7.74 12.94 -5.96
C PHE A 269 -7.72 14.44 -6.11
N ASN A 270 -7.93 14.92 -7.33
CA ASN A 270 -7.95 16.36 -7.60
C ASN A 270 -9.18 17.05 -7.02
N ALA A 271 -10.19 16.26 -6.67
CA ALA A 271 -11.42 16.80 -6.09
C ALA A 271 -11.45 16.57 -4.57
N LEU A 272 -10.38 16.01 -4.03
CA LEU A 272 -10.29 15.76 -2.59
C LEU A 272 -10.13 17.10 -1.86
N LYS A 273 -11.00 17.35 -0.90
CA LYS A 273 -10.96 18.60 -0.12
C LYS A 273 -9.83 18.62 0.91
N ILE A 274 -8.92 19.60 0.80
CA ILE A 274 -7.80 19.74 1.76
C ILE A 274 -8.37 20.60 2.89
N TYR A 275 -8.13 20.21 4.13
CA TYR A 275 -8.68 20.90 5.30
C TYR A 275 -7.84 21.97 5.96
N ASP A 276 -8.52 22.93 6.60
CA ASP A 276 -7.85 23.98 7.34
C ASP A 276 -7.95 23.58 8.82
N GLU A 277 -7.49 24.44 9.73
CA GLU A 277 -7.50 24.12 11.14
C GLU A 277 -8.88 23.77 11.71
N ALA A 278 -9.87 24.58 11.36
CA ALA A 278 -11.23 24.38 11.83
C ALA A 278 -11.76 23.02 11.40
N GLU A 279 -11.58 22.72 10.11
CA GLU A 279 -12.05 21.47 9.53
C GLU A 279 -11.33 20.24 10.08
N VAL A 280 -10.05 20.37 10.35
CA VAL A 280 -9.27 19.26 10.90
C VAL A 280 -9.87 18.90 12.24
N ASN A 281 -10.31 19.91 12.99
CA ASN A 281 -10.91 19.70 14.31
C ASN A 281 -12.32 19.14 14.22
N LYS A 282 -13.02 19.51 13.15
CA LYS A 282 -14.38 19.07 12.91
C LYS A 282 -14.48 17.67 12.30
N TYR A 283 -13.57 17.37 11.39
CA TYR A 283 -13.59 16.12 10.66
C TYR A 283 -12.61 15.01 11.01
N PHE A 284 -11.55 15.30 11.76
CA PHE A 284 -10.58 14.28 12.13
C PHE A 284 -10.47 14.02 13.62
N VAL A 285 -9.85 12.90 13.97
CA VAL A 285 -9.66 12.48 15.36
C VAL A 285 -8.30 11.82 15.52
N ARG A 286 -7.54 12.23 16.53
CA ARG A 286 -6.22 11.66 16.83
C ARG A 286 -6.31 11.06 18.23
N ALA A 287 -5.77 9.86 18.42
CA ALA A 287 -5.82 9.23 19.73
C ALA A 287 -4.55 8.46 20.07
N GLN A 288 -4.37 8.18 21.35
CA GLN A 288 -3.21 7.47 21.84
C GLN A 288 -3.74 6.35 22.71
N TYR A 289 -3.19 5.15 22.59
CA TYR A 289 -3.69 4.04 23.39
C TYR A 289 -3.26 4.10 24.85
N GLY A 290 -4.26 3.98 25.71
CA GLY A 290 -4.05 4.01 27.14
C GLY A 290 -3.98 2.60 27.67
N ALA A 291 -4.30 2.43 28.96
CA ALA A 291 -4.24 1.12 29.59
C ALA A 291 -5.24 0.13 29.01
N GLY A 292 -4.85 -1.13 28.97
CA GLY A 292 -5.73 -2.17 28.47
C GLY A 292 -6.40 -2.83 29.65
N ASP A 293 -6.34 -4.15 29.71
CA ASP A 293 -6.95 -4.88 30.84
C ASP A 293 -5.85 -5.44 31.73
N SER A 294 -5.16 -6.44 31.23
CA SER A 294 -4.09 -7.08 31.97
C SER A 294 -2.82 -6.23 31.89
N ALA A 295 -1.90 -6.44 32.82
CA ALA A 295 -0.65 -5.69 32.88
C ALA A 295 0.21 -5.78 31.62
N ASP A 296 -0.10 -6.72 30.74
CA ASP A 296 0.66 -6.88 29.49
C ASP A 296 0.35 -5.78 28.49
N PHE A 297 -0.84 -5.21 28.61
CA PHE A 297 -1.30 -4.15 27.72
C PHE A 297 -1.16 -2.78 28.39
N LYS A 298 0.08 -2.35 28.55
CA LYS A 298 0.36 -1.06 29.17
C LYS A 298 0.11 0.07 28.17
N PRO A 299 -0.14 1.30 28.67
CA PRO A 299 -0.39 2.44 27.79
C PRO A 299 0.82 2.80 26.93
N TYR A 300 0.60 3.63 25.92
CA TYR A 300 1.66 4.05 25.00
C TYR A 300 2.83 4.78 25.67
N LEU A 301 2.54 5.68 26.61
CA LEU A 301 3.57 6.44 27.30
C LEU A 301 4.48 5.60 28.21
N GLU A 302 4.10 4.34 28.42
CA GLU A 302 4.90 3.45 29.26
C GLU A 302 5.66 2.42 28.42
N GLU A 303 5.54 2.52 27.11
CA GLU A 303 6.20 1.60 26.19
C GLU A 303 7.71 1.92 26.09
N LEU A 304 8.49 0.93 25.66
CA LEU A 304 9.93 1.09 25.53
C LEU A 304 10.30 2.22 24.58
N ASP A 305 11.26 3.04 25.00
CA ASP A 305 11.74 4.17 24.21
C ASP A 305 10.79 5.34 23.95
N VAL A 306 9.58 5.29 24.53
CA VAL A 306 8.63 6.40 24.34
C VAL A 306 8.96 7.51 25.33
N PRO A 307 9.25 8.72 24.83
CA PRO A 307 9.60 9.90 25.63
C PRO A 307 8.66 10.39 26.73
N ALA A 308 7.57 9.69 27.00
CA ALA A 308 6.62 10.09 28.05
C ALA A 308 5.91 11.44 27.85
N ASP A 309 6.51 12.35 27.09
CA ASP A 309 5.89 13.64 26.81
C ASP A 309 5.44 13.61 25.34
N SER A 310 5.24 12.40 24.83
CA SER A 310 4.82 12.19 23.45
C SER A 310 3.33 12.45 23.27
N LYS A 311 3.01 13.13 22.18
CA LYS A 311 1.62 13.42 21.81
C LYS A 311 1.38 12.69 20.49
N ASN A 312 2.05 11.55 20.32
CA ASN A 312 1.97 10.76 19.10
C ASN A 312 0.64 10.02 18.97
N ASN A 313 0.06 10.07 17.77
CA ASN A 313 -1.21 9.42 17.49
C ASN A 313 -1.00 7.97 17.05
N THR A 314 -1.55 7.03 17.79
CA THR A 314 -1.45 5.62 17.44
C THR A 314 -2.78 5.22 16.79
N PHE A 315 -3.67 6.20 16.67
CA PHE A 315 -4.99 6.01 16.09
C PHE A 315 -5.42 7.30 15.40
N ILE A 316 -6.07 7.15 14.26
CA ILE A 316 -6.58 8.27 13.49
C ILE A 316 -7.90 7.83 12.88
N ALA A 317 -8.86 8.74 12.82
CA ALA A 317 -10.15 8.47 12.20
C ALA A 317 -10.56 9.80 11.60
N GLY A 318 -11.04 9.76 10.36
CA GLY A 318 -11.45 10.99 9.73
C GLY A 318 -12.41 10.80 8.57
N GLU A 319 -12.96 11.91 8.11
CA GLU A 319 -13.89 11.90 7.00
C GLU A 319 -13.25 12.62 5.83
N LEU A 320 -13.32 12.01 4.65
CA LEU A 320 -12.76 12.58 3.43
C LEU A 320 -13.92 13.00 2.53
N GLN A 321 -13.82 14.18 1.93
CA GLN A 321 -14.88 14.65 1.06
C GLN A 321 -14.34 14.92 -0.33
N PHE A 322 -15.04 14.41 -1.34
CA PHE A 322 -14.66 14.60 -2.74
C PHE A 322 -15.65 15.49 -3.46
N ASP A 323 -15.14 16.47 -4.17
CA ASP A 323 -15.96 17.41 -4.90
C ASP A 323 -16.21 16.91 -6.33
N LEU A 324 -16.68 15.67 -6.44
CA LEU A 324 -17.01 15.09 -7.74
C LEU A 324 -18.52 14.92 -7.72
N PRO A 325 -19.17 15.16 -8.86
CA PRO A 325 -20.64 15.00 -8.88
C PRO A 325 -21.11 13.65 -8.35
N ARG A 326 -20.36 12.59 -8.63
CA ARG A 326 -20.78 11.26 -8.19
C ARG A 326 -20.64 10.98 -6.70
N TRP A 327 -19.81 11.77 -6.02
CA TRP A 327 -19.60 11.58 -4.59
C TRP A 327 -20.11 12.77 -3.79
N GLU A 328 -20.84 13.66 -4.43
CA GLU A 328 -21.37 14.83 -3.79
C GLU A 328 -22.26 14.44 -2.59
N GLY A 329 -21.77 14.70 -1.38
CA GLY A 329 -22.52 14.36 -0.20
C GLY A 329 -22.26 12.99 0.39
N VAL A 330 -21.33 12.24 -0.19
CA VAL A 330 -21.01 10.91 0.32
C VAL A 330 -19.70 10.93 1.10
N PRO A 331 -19.78 10.79 2.44
CA PRO A 331 -18.56 10.81 3.25
C PRO A 331 -17.76 9.50 3.16
N PHE A 332 -16.44 9.65 3.08
CA PHE A 332 -15.54 8.50 3.05
C PHE A 332 -14.82 8.46 4.39
N TYR A 333 -15.30 7.60 5.27
CA TYR A 333 -14.72 7.48 6.59
C TYR A 333 -13.54 6.53 6.58
N VAL A 334 -12.43 6.94 7.18
CA VAL A 334 -11.25 6.10 7.25
C VAL A 334 -10.80 6.01 8.71
N ARG A 335 -10.16 4.91 9.07
CA ARG A 335 -9.65 4.74 10.41
C ARG A 335 -8.59 3.65 10.40
N SER A 336 -7.62 3.81 11.30
CA SER A 336 -6.52 2.87 11.44
C SER A 336 -5.90 3.12 12.82
N GLY A 337 -5.48 2.06 13.50
CA GLY A 337 -4.89 2.23 14.80
C GLY A 337 -4.26 0.98 15.35
N LYS A 338 -3.41 1.17 16.34
CA LYS A 338 -2.71 0.09 17.02
C LYS A 338 -3.56 -0.29 18.23
N ARG A 339 -3.30 -1.47 18.79
CA ARG A 339 -4.01 -1.95 19.98
C ARG A 339 -5.55 -1.90 19.91
N LEU A 340 -6.10 -2.19 18.75
CA LEU A 340 -7.55 -2.19 18.58
C LEU A 340 -8.08 -3.60 18.79
N ALA A 341 -9.39 -3.76 18.70
CA ALA A 341 -10.06 -5.05 18.90
C ALA A 341 -9.64 -6.23 18.01
N ALA A 342 -9.48 -6.01 16.71
CA ALA A 342 -9.10 -7.11 15.82
C ALA A 342 -8.19 -6.65 14.68
N LYS A 343 -7.34 -7.56 14.22
CA LYS A 343 -6.44 -7.26 13.11
C LYS A 343 -7.30 -7.40 11.85
N GLN A 344 -7.53 -6.30 11.14
CA GLN A 344 -8.37 -6.35 9.95
C GLN A 344 -8.26 -5.15 9.03
N THR A 345 -8.19 -5.43 7.72
CA THR A 345 -8.14 -4.40 6.69
C THR A 345 -9.39 -4.67 5.88
N ARG A 346 -10.34 -3.74 5.90
CA ARG A 346 -11.59 -3.94 5.18
C ARG A 346 -12.24 -2.66 4.66
N VAL A 347 -13.11 -2.84 3.67
CA VAL A 347 -13.85 -1.75 3.09
C VAL A 347 -15.30 -2.15 3.25
N ASP A 348 -16.14 -1.22 3.68
CA ASP A 348 -17.55 -1.47 3.85
C ASP A 348 -18.29 -0.38 3.12
N ILE A 349 -19.07 -0.76 2.12
CA ILE A 349 -19.85 0.21 1.36
C ILE A 349 -21.27 0.14 1.90
N VAL A 350 -21.69 1.22 2.55
CA VAL A 350 -23.02 1.30 3.13
C VAL A 350 -23.99 1.93 2.14
N PHE A 351 -24.96 1.14 1.69
CA PHE A 351 -25.97 1.59 0.73
C PHE A 351 -27.15 2.20 1.45
N LYS A 352 -27.75 3.21 0.83
CA LYS A 352 -28.91 3.88 1.39
C LYS A 352 -30.04 2.86 1.54
N ALA A 353 -30.79 2.95 2.62
CA ALA A 353 -31.91 2.04 2.85
C ALA A 353 -33.04 2.33 1.87
N GLY A 354 -33.81 1.31 1.52
CA GLY A 354 -34.91 1.49 0.60
C GLY A 354 -36.05 2.25 1.23
N THR A 355 -36.81 2.97 0.41
CA THR A 355 -37.95 3.74 0.87
C THR A 355 -39.30 3.07 0.64
N PHE A 356 -39.29 1.78 0.31
CA PHE A 356 -40.54 1.06 0.09
C PHE A 356 -41.04 0.62 1.45
N ASN A 357 -42.28 0.95 1.79
CA ASN A 357 -42.81 0.57 3.07
C ASN A 357 -43.56 -0.73 3.02
N PHE A 358 -43.09 -1.70 3.78
CA PHE A 358 -43.74 -3.00 3.86
C PHE A 358 -44.90 -2.96 4.87
N GLY A 359 -44.81 -2.05 5.83
CA GLY A 359 -45.85 -1.95 6.85
C GLY A 359 -45.54 -2.92 7.98
N SER A 360 -44.27 -3.28 8.08
CA SER A 360 -43.78 -4.21 9.09
C SER A 360 -43.11 -3.47 10.24
N GLU A 361 -42.81 -4.20 11.32
CA GLU A 361 -42.13 -3.62 12.49
C GLU A 361 -40.75 -3.17 12.06
N GLN A 362 -40.07 -4.01 11.30
CA GLN A 362 -38.73 -3.71 10.82
C GLN A 362 -38.79 -3.35 9.34
N GLU A 363 -38.48 -2.10 9.01
CA GLU A 363 -38.49 -1.72 7.61
C GLU A 363 -37.10 -1.98 7.04
N ALA A 364 -37.01 -1.91 5.71
CA ALA A 364 -35.76 -2.14 5.00
C ALA A 364 -34.62 -1.35 5.62
N GLN A 365 -33.53 -2.05 5.91
CA GLN A 365 -32.37 -1.42 6.48
C GLN A 365 -31.31 -1.19 5.42
N GLU A 366 -30.17 -0.67 5.84
CA GLU A 366 -29.07 -0.37 4.93
C GLU A 366 -28.29 -1.62 4.54
N ALA A 367 -28.11 -1.81 3.24
CA ALA A 367 -27.37 -2.95 2.73
C ALA A 367 -25.89 -2.59 2.75
N VAL A 368 -25.03 -3.58 2.97
CA VAL A 368 -23.60 -3.34 3.04
C VAL A 368 -22.79 -4.31 2.18
N LEU A 369 -21.83 -3.77 1.43
CA LEU A 369 -20.95 -4.58 0.62
C LEU A 369 -19.59 -4.50 1.32
N SER A 370 -19.22 -5.57 1.99
CA SER A 370 -17.96 -5.62 2.70
C SER A 370 -16.90 -6.38 1.92
N ILE A 371 -15.68 -5.87 1.93
CA ILE A 371 -14.56 -6.52 1.26
C ILE A 371 -13.43 -6.63 2.27
N ILE A 372 -13.25 -7.84 2.82
CA ILE A 372 -12.21 -8.06 3.81
C ILE A 372 -10.90 -8.44 3.13
N ILE A 373 -9.92 -7.55 3.24
CA ILE A 373 -8.61 -7.72 2.63
C ILE A 373 -7.64 -8.55 3.49
N ASP A 374 -7.56 -8.26 4.79
CA ASP A 374 -6.70 -8.98 5.74
C ASP A 374 -7.61 -9.46 6.89
N PRO A 375 -7.30 -10.61 7.51
CA PRO A 375 -6.18 -11.54 7.25
C PRO A 375 -6.45 -12.50 6.09
N LYS A 376 -7.70 -12.89 5.91
CA LYS A 376 -8.10 -13.81 4.85
C LYS A 376 -9.09 -13.07 3.97
N GLY A 377 -8.93 -13.18 2.66
CA GLY A 377 -9.81 -12.50 1.74
C GLY A 377 -11.24 -12.99 1.78
N ALA A 378 -12.18 -12.05 1.85
CA ALA A 378 -13.61 -12.39 1.90
C ALA A 378 -14.47 -11.23 1.39
N ILE A 379 -15.60 -11.58 0.79
CA ILE A 379 -16.55 -10.61 0.25
C ILE A 379 -17.92 -10.96 0.82
N GLU A 380 -18.57 -9.98 1.45
CA GLU A 380 -19.88 -10.19 2.04
C GLU A 380 -20.87 -9.15 1.58
N LEU A 381 -22.13 -9.53 1.53
CA LEU A 381 -23.18 -8.63 1.10
C LEU A 381 -24.39 -8.85 1.98
N LYS A 382 -24.59 -7.92 2.92
CA LYS A 382 -25.71 -7.96 3.85
C LYS A 382 -26.89 -7.33 3.12
N LEU A 383 -27.91 -8.13 2.85
CA LEU A 383 -29.12 -7.70 2.12
C LEU A 383 -30.37 -7.81 2.98
N ASN A 384 -31.44 -7.18 2.53
CA ASN A 384 -32.73 -7.23 3.23
C ASN A 384 -33.55 -8.39 2.68
N ALA A 385 -33.95 -9.31 3.55
CA ALA A 385 -34.75 -10.46 3.18
C ALA A 385 -35.93 -10.53 4.13
N LYS A 386 -36.74 -11.59 4.03
CA LYS A 386 -37.91 -11.76 4.91
C LYS A 386 -37.51 -12.57 6.14
N SER A 387 -37.98 -12.15 7.32
CA SER A 387 -37.67 -12.86 8.55
C SER A 387 -38.56 -14.09 8.67
N VAL A 388 -38.14 -15.03 9.49
CA VAL A 388 -38.89 -16.25 9.71
C VAL A 388 -39.85 -16.00 10.88
N GLU A 389 -40.93 -15.29 10.62
CA GLU A 389 -41.91 -15.00 11.65
C GLU A 389 -43.30 -15.28 11.12
N ASP A 390 -44.31 -15.07 11.95
CA ASP A 390 -45.68 -15.30 11.54
C ASP A 390 -46.18 -14.13 10.69
N ALA A 391 -45.77 -12.92 11.05
CA ALA A 391 -46.18 -11.73 10.31
C ALA A 391 -45.06 -11.32 9.39
N PHE A 392 -45.38 -10.75 8.24
CA PHE A 392 -44.34 -10.34 7.31
C PHE A 392 -43.46 -9.29 7.96
N ASN A 393 -42.15 -9.51 7.92
CA ASN A 393 -41.19 -8.58 8.49
C ASN A 393 -39.87 -8.76 7.76
N THR A 394 -39.01 -7.74 7.83
CA THR A 394 -37.71 -7.83 7.18
C THR A 394 -36.62 -8.14 8.20
N ARG A 395 -35.47 -8.55 7.69
CA ARG A 395 -34.30 -8.86 8.50
C ARG A 395 -33.17 -8.71 7.49
N THR A 396 -31.93 -8.70 7.98
CA THR A 396 -30.80 -8.62 7.06
C THR A 396 -30.05 -9.93 7.13
N ILE A 397 -29.77 -10.50 5.97
CA ILE A 397 -29.04 -11.76 5.90
C ILE A 397 -27.69 -11.45 5.21
N ASP A 398 -26.70 -12.32 5.41
CA ASP A 398 -25.40 -12.10 4.81
C ASP A 398 -25.02 -13.17 3.80
N LEU A 399 -24.80 -12.74 2.56
CA LEU A 399 -24.36 -13.62 1.50
C LEU A 399 -22.85 -13.46 1.54
N GLY A 400 -22.11 -14.54 1.74
CA GLY A 400 -20.67 -14.40 1.79
C GLY A 400 -19.85 -15.32 0.91
N TRP A 401 -18.57 -15.00 0.77
CA TRP A 401 -17.61 -15.77 0.00
C TRP A 401 -16.23 -15.54 0.60
N THR A 402 -15.43 -16.61 0.68
CA THR A 402 -14.10 -16.54 1.26
C THR A 402 -13.15 -17.17 0.26
N VAL A 403 -11.88 -16.78 0.27
CA VAL A 403 -10.91 -17.37 -0.65
C VAL A 403 -10.69 -18.82 -0.27
N SER A 404 -10.47 -19.67 -1.27
CA SER A 404 -10.21 -21.08 -1.03
C SER A 404 -8.73 -21.30 -0.77
N ASP A 405 -8.37 -22.50 -0.33
CA ASP A 405 -6.98 -22.81 -0.08
C ASP A 405 -6.20 -22.82 -1.39
N GLU A 406 -6.87 -23.21 -2.47
CA GLU A 406 -6.22 -23.23 -3.77
C GLU A 406 -5.97 -21.80 -4.20
N ASP A 407 -6.88 -20.91 -3.82
CA ASP A 407 -6.76 -19.49 -4.15
C ASP A 407 -5.52 -18.95 -3.46
N LYS A 408 -5.41 -19.20 -2.15
CA LYS A 408 -4.27 -18.73 -1.37
C LYS A 408 -2.95 -19.26 -1.88
N LYS A 409 -2.91 -20.52 -2.32
CA LYS A 409 -1.68 -21.10 -2.81
C LYS A 409 -1.24 -20.52 -4.14
N ASN A 410 -2.22 -20.19 -4.99
CA ASN A 410 -1.94 -19.62 -6.31
C ASN A 410 -1.72 -18.13 -6.32
N THR A 411 -1.92 -17.48 -5.17
CA THR A 411 -1.74 -16.05 -5.06
C THR A 411 -0.26 -15.69 -5.03
N PRO A 412 0.19 -14.82 -5.95
CA PRO A 412 1.60 -14.40 -6.01
C PRO A 412 1.97 -13.54 -4.80
N GLU A 413 3.21 -13.68 -4.33
CA GLU A 413 3.69 -12.88 -3.20
C GLU A 413 3.67 -11.40 -3.56
N PRO A 414 3.42 -10.52 -2.58
CA PRO A 414 3.37 -9.08 -2.82
C PRO A 414 4.58 -8.54 -3.60
N TYR A 415 5.78 -8.97 -3.24
CA TYR A 415 6.98 -8.52 -3.95
C TYR A 415 7.13 -9.13 -5.33
N GLU A 416 6.62 -10.35 -5.50
CA GLU A 416 6.68 -11.04 -6.80
C GLU A 416 5.83 -10.21 -7.77
N ARG A 417 4.65 -9.84 -7.28
CA ARG A 417 3.69 -9.04 -8.04
C ARG A 417 4.32 -7.73 -8.50
N MET A 418 4.89 -6.99 -7.55
CA MET A 418 5.49 -5.70 -7.83
C MET A 418 6.67 -5.75 -8.80
N ILE A 419 7.56 -6.73 -8.62
CA ILE A 419 8.70 -6.86 -9.51
C ILE A 419 8.19 -7.20 -10.90
N HIS A 420 7.24 -8.14 -10.95
CA HIS A 420 6.65 -8.58 -12.21
C HIS A 420 6.00 -7.43 -13.00
N ASP A 421 5.19 -6.62 -12.32
CA ASP A 421 4.51 -5.49 -12.96
C ASP A 421 5.49 -4.45 -13.49
N THR A 422 6.60 -4.26 -12.78
CA THR A 422 7.61 -3.31 -13.21
C THR A 422 8.25 -3.82 -14.51
N MET A 423 8.53 -5.12 -14.56
CA MET A 423 9.11 -5.71 -15.76
C MET A 423 8.14 -5.58 -16.92
N ASN A 424 6.84 -5.65 -16.61
CA ASN A 424 5.83 -5.52 -17.64
C ASN A 424 5.61 -4.07 -18.03
N GLY A 425 5.95 -3.15 -17.14
CA GLY A 425 5.75 -1.74 -17.42
C GLY A 425 4.32 -1.39 -17.07
N ASP A 426 3.73 -2.17 -16.18
CA ASP A 426 2.36 -1.97 -15.75
C ASP A 426 2.30 -1.14 -14.47
N GLY A 427 1.91 0.11 -14.61
CA GLY A 427 1.84 0.99 -13.47
C GLY A 427 0.47 1.07 -12.82
N SER A 428 -0.47 0.24 -13.26
CA SER A 428 -1.82 0.27 -12.72
C SER A 428 -1.96 -0.03 -11.23
N ASN A 429 -1.03 -0.81 -10.68
CA ASN A 429 -1.09 -1.13 -9.25
C ASN A 429 -0.06 -0.31 -8.47
N PHE A 430 0.35 0.81 -9.05
CA PHE A 430 1.32 1.69 -8.43
C PHE A 430 0.78 3.11 -8.45
N ALA A 431 1.12 3.87 -7.42
CA ALA A 431 0.67 5.26 -7.33
C ALA A 431 1.58 6.15 -8.15
N ASP A 432 0.99 7.15 -8.79
CA ASP A 432 1.76 8.10 -9.58
C ASP A 432 2.10 9.30 -8.69
N TRP A 433 2.73 10.33 -9.25
CA TRP A 433 3.07 11.49 -8.45
C TRP A 433 1.87 12.30 -8.02
N ASN A 434 0.88 12.43 -8.90
CA ASN A 434 -0.31 13.21 -8.57
C ASN A 434 -1.01 12.63 -7.36
N GLY A 435 -1.15 11.31 -7.35
CA GLY A 435 -1.80 10.65 -6.23
C GLY A 435 -1.03 10.82 -4.94
N VAL A 436 0.29 10.70 -5.03
CA VAL A 436 1.17 10.83 -3.88
C VAL A 436 1.28 12.28 -3.36
N SER A 437 1.33 13.24 -4.27
CA SER A 437 1.45 14.65 -3.89
C SER A 437 0.18 15.16 -3.21
N ILE A 438 -0.98 14.75 -3.71
CA ILE A 438 -2.24 15.18 -3.12
C ILE A 438 -2.39 14.52 -1.76
N ALA A 439 -2.01 13.24 -1.68
CA ALA A 439 -2.07 12.51 -0.42
C ALA A 439 -1.24 13.25 0.63
N TRP A 440 -0.08 13.76 0.22
CA TRP A 440 0.79 14.51 1.13
C TRP A 440 0.19 15.87 1.49
N LYS A 441 -0.39 16.55 0.50
CA LYS A 441 -0.99 17.86 0.73
C LYS A 441 -2.12 17.75 1.74
N PHE A 442 -2.84 16.64 1.66
CA PHE A 442 -3.96 16.37 2.55
C PHE A 442 -3.45 16.12 3.97
N VAL A 443 -2.53 15.18 4.10
CA VAL A 443 -1.95 14.79 5.38
C VAL A 443 -1.11 15.91 6.04
N ASP A 444 -0.49 16.75 5.24
CA ASP A 444 0.33 17.86 5.77
C ASP A 444 -0.56 18.86 6.50
N ALA A 445 -1.74 19.09 5.94
CA ALA A 445 -2.72 20.00 6.52
C ALA A 445 -3.05 19.52 7.93
N ILE A 446 -3.28 18.22 8.05
CA ILE A 446 -3.61 17.62 9.32
C ILE A 446 -2.41 17.63 10.28
N SER A 447 -1.21 17.32 9.76
CA SER A 447 -0.01 17.31 10.59
C SER A 447 0.35 18.69 11.15
N ALA A 448 0.08 19.72 10.36
CA ALA A 448 0.35 21.09 10.77
C ALA A 448 -0.45 21.42 12.03
N VAL A 449 -1.68 20.93 12.09
CA VAL A 449 -2.55 21.18 13.23
C VAL A 449 -2.11 20.41 14.45
N TYR A 450 -1.60 19.21 14.24
CA TYR A 450 -1.17 18.36 15.35
C TYR A 450 0.11 18.77 16.05
N THR A 451 1.14 19.12 15.29
CA THR A 451 2.40 19.53 15.91
C THR A 451 2.23 20.86 16.62
N ALA A 452 1.28 21.66 16.14
CA ALA A 452 0.98 22.96 16.73
C ALA A 452 0.06 22.80 17.94
N ASP A 453 -0.38 21.57 18.18
CA ASP A 453 -1.27 21.22 19.27
C ASP A 453 -2.62 21.96 19.20
N LYS A 454 -3.04 22.28 17.99
CA LYS A 454 -4.30 22.98 17.75
C LYS A 454 -5.49 22.02 17.59
N ALA A 455 -5.40 20.82 18.18
CA ALA A 455 -6.45 19.81 18.09
C ALA A 455 -6.28 18.88 19.28
N PRO A 456 -7.39 18.42 19.88
CA PRO A 456 -7.25 17.53 21.04
C PRO A 456 -6.68 16.14 20.73
N LEU A 457 -6.06 15.52 21.72
CA LEU A 457 -5.54 14.17 21.57
C LEU A 457 -6.39 13.29 22.49
N GLU A 458 -7.13 12.35 21.92
CA GLU A 458 -7.99 11.46 22.72
C GLU A 458 -7.21 10.22 23.19
N THR A 459 -7.87 9.39 24.00
CA THR A 459 -7.28 8.14 24.47
C THR A 459 -8.35 7.06 24.37
N TYR A 460 -7.93 5.79 24.38
CA TYR A 460 -8.87 4.70 24.28
C TYR A 460 -8.31 3.45 24.95
N LYS A 461 -9.22 2.61 25.45
CA LYS A 461 -8.83 1.39 26.13
C LYS A 461 -8.27 0.44 25.07
N SER A 462 -7.11 -0.17 25.35
CA SER A 462 -6.54 -1.10 24.39
C SER A 462 -7.44 -2.32 24.31
N GLY A 463 -7.96 -2.56 23.11
CA GLY A 463 -8.84 -3.67 22.90
C GLY A 463 -10.15 -3.20 22.30
N SER A 464 -10.35 -1.89 22.32
CA SER A 464 -11.56 -1.32 21.74
C SER A 464 -11.31 -0.93 20.28
N MET A 465 -12.30 -0.34 19.63
CA MET A 465 -12.14 0.08 18.24
C MET A 465 -11.78 1.56 18.14
N GLY A 466 -11.32 2.12 19.26
CA GLY A 466 -10.94 3.52 19.29
C GLY A 466 -11.78 4.32 20.27
N PRO A 467 -11.54 5.64 20.38
CA PRO A 467 -12.28 6.51 21.29
C PRO A 467 -13.70 6.81 20.78
N GLU A 468 -14.55 7.31 21.69
CA GLU A 468 -15.92 7.61 21.34
C GLU A 468 -15.99 8.74 20.31
N ALA A 469 -14.94 9.57 20.27
CA ALA A 469 -14.88 10.68 19.32
C ALA A 469 -14.98 10.13 17.89
N SER A 470 -14.52 8.90 17.70
CA SER A 470 -14.55 8.24 16.41
C SER A 470 -16.01 7.95 16.02
N ASP A 471 -16.82 7.57 17.00
CA ASP A 471 -18.23 7.29 16.76
C ASP A 471 -19.01 8.60 16.64
N LYS A 472 -18.55 9.61 17.34
CA LYS A 472 -19.19 10.92 17.31
C LYS A 472 -19.09 11.47 15.88
N LEU A 473 -17.96 11.18 15.24
CA LEU A 473 -17.66 11.61 13.89
C LEU A 473 -18.70 11.12 12.87
N LEU A 474 -19.03 9.83 12.94
CA LEU A 474 -20.01 9.27 12.02
C LEU A 474 -21.44 9.64 12.40
N ALA A 475 -21.72 9.65 13.70
CA ALA A 475 -23.07 9.98 14.18
C ALA A 475 -23.52 11.36 13.71
N ALA A 476 -22.55 12.24 13.45
CA ALA A 476 -22.84 13.59 12.99
C ALA A 476 -23.60 13.62 11.67
N ASN A 477 -23.41 12.60 10.84
CA ASN A 477 -24.09 12.51 9.55
C ASN A 477 -25.12 11.39 9.55
N GLY A 478 -25.35 10.80 10.72
CA GLY A 478 -26.31 9.72 10.83
C GLY A 478 -25.73 8.40 10.37
N ASP A 479 -24.43 8.23 10.55
CA ASP A 479 -23.76 7.00 10.14
C ASP A 479 -23.08 6.35 11.33
N ALA A 480 -22.68 5.09 11.15
CA ALA A 480 -22.01 4.33 12.20
C ALA A 480 -21.12 3.29 11.56
N TRP A 481 -20.07 2.90 12.27
CA TRP A 481 -19.14 1.88 11.78
C TRP A 481 -19.81 0.52 11.69
N VAL A 482 -19.65 -0.16 10.55
CA VAL A 482 -20.24 -1.48 10.37
C VAL A 482 -19.48 -2.53 11.19
N PHE A 483 -18.15 -2.46 11.14
CA PHE A 483 -17.30 -3.40 11.88
C PHE A 483 -17.15 -2.92 13.33
N LYS A 484 -17.79 -3.62 14.26
CA LYS A 484 -17.73 -3.23 15.66
C LYS A 484 -16.62 -3.95 16.44
N GLY A 485 -15.83 -4.75 15.73
CA GLY A 485 -14.75 -5.46 16.38
C GLY A 485 -14.93 -6.96 16.23
#